data_2IV7
#
_entry.id   2IV7
#
_cell.length_a   50.690
_cell.length_b   88.664
_cell.length_c   89.594
_cell.angle_alpha   90.00
_cell.angle_beta   90.00
_cell.angle_gamma   90.00
#
_symmetry.space_group_name_H-M   'P 21 21 21'
#
loop_
_entity.id
_entity.type
_entity.pdbx_description
1 polymer 'LIPOPOLYSACCHARIDE CORE BIOSYNTHESIS PROTEIN RFAG'
2 non-polymer "URIDINE-5'-DIPHOSPHATE"
3 water water
#
_entity_poly.entity_id   1
_entity_poly.type   'polypeptide(L)'
_entity_poly.pdbx_seq_one_letter_code
;(MSE)IVAFCLYKYFPFGGLQRDF(MSE)RIASTVAARGHHVRVYTQSWEGDCPKAFELIQVPVKSHTNHGRNAEYYAWV
QNHLKEHPADRVVGFNK(MSE)PGLDVYFAADVCYAEKVAQEKGFLYRLTSRYRHYAAFERATFEQGKSTKL(MSE)
(MSE)LTDKQIADFQKHYQTEPERFQILPPGIYPDRKYSEQIPNSREIYRQKNGIKEQQNLLLQVGSDFGRKGVDRSIEA
LASLPESLRHNTLLFVVGQDKPRKFEALAEKLGVRSNVHFFSGRNDVSEL(MSE)AAADLLLHPAYQEAAGIVLLEAITA
GLPVLTTAVCGYAHYIADANCGTVIAEPFSQEQLNEVLRKALTQSPLR(MSE)AWAENARHYADTQDLYSLPEKAADIIT
GGLDG
;
_entity_poly.pdbx_strand_id   A
#
# COMPACT_ATOMS: atom_id res chain seq x y z
N ILE A 2 -14.13 4.86 -24.65
CA ILE A 2 -14.52 4.00 -23.50
C ILE A 2 -13.26 3.33 -22.95
N VAL A 3 -12.97 3.61 -21.68
CA VAL A 3 -11.82 2.99 -21.02
C VAL A 3 -12.34 2.08 -19.93
N ALA A 4 -12.07 0.77 -20.09
CA ALA A 4 -12.47 -0.24 -19.12
C ALA A 4 -11.36 -0.49 -18.12
N PHE A 5 -11.73 -0.49 -16.84
CA PHE A 5 -10.79 -0.75 -15.75
C PHE A 5 -11.17 -2.07 -15.11
N CYS A 6 -10.17 -2.91 -14.85
CA CYS A 6 -10.40 -4.20 -14.22
C CYS A 6 -9.61 -4.29 -12.92
N LEU A 7 -10.30 -4.48 -11.80
CA LEU A 7 -9.65 -4.86 -10.55
C LEU A 7 -10.59 -5.85 -9.86
N TYR A 8 -10.03 -6.85 -9.20
CA TYR A 8 -10.89 -7.87 -8.60
C TYR A 8 -11.82 -7.33 -7.53
N LYS A 9 -11.32 -6.45 -6.67
CA LYS A 9 -12.12 -5.97 -5.55
C LYS A 9 -11.86 -4.50 -5.31
N TYR A 10 -12.92 -3.70 -5.22
CA TYR A 10 -12.77 -2.33 -4.76
C TYR A 10 -13.21 -2.19 -3.30
N PHE A 11 -12.37 -1.52 -2.49
CA PHE A 11 -12.75 -1.06 -1.14
C PHE A 11 -11.85 0.15 -0.83
N PRO A 12 -12.28 1.02 0.11
CA PRO A 12 -11.53 2.27 0.24
C PRO A 12 -10.16 2.22 0.93
N PHE A 13 -9.81 1.09 1.52
CA PHE A 13 -8.67 1.05 2.44
C PHE A 13 -7.48 0.23 1.95
N GLY A 14 -7.29 0.23 0.64
CA GLY A 14 -6.17 -0.47 0.01
C GLY A 14 -5.47 0.43 -0.99
N GLY A 15 -4.15 0.26 -1.12
CA GLY A 15 -3.34 1.10 -2.00
C GLY A 15 -3.68 0.90 -3.48
N LEU A 16 -3.76 -0.35 -3.90
CA LEU A 16 -4.17 -0.65 -5.28
C LEU A 16 -5.46 0.08 -5.62
N GLN A 17 -6.41 -0.01 -4.69
CA GLN A 17 -7.74 0.56 -4.88
C GLN A 17 -7.71 2.09 -4.92
N ARG A 18 -6.91 2.70 -4.04
CA ARG A 18 -6.81 4.16 -4.02
C ARG A 18 -6.08 4.73 -5.23
N ASP A 19 -5.07 4.00 -5.70
CA ASP A 19 -4.37 4.40 -6.95
C ASP A 19 -5.36 4.30 -8.11
N PHE A 20 -6.09 3.19 -8.17
CA PHE A 20 -7.11 3.00 -9.21
C PHE A 20 -8.11 4.15 -9.18
N ARG A 22 -7.97 7.24 -8.12
CA ARG A 22 -7.42 8.51 -8.57
C ARG A 22 -7.13 8.50 -10.08
N ILE A 23 -6.60 7.38 -10.57
CA ILE A 23 -6.28 7.26 -12.00
C ILE A 23 -7.57 7.26 -12.83
N ALA A 24 -8.54 6.44 -12.41
CA ALA A 24 -9.80 6.36 -13.15
C ALA A 24 -10.56 7.69 -13.12
N SER A 25 -10.51 8.38 -11.98
CA SER A 25 -11.19 9.67 -11.86
C SER A 25 -10.55 10.69 -12.78
N THR A 26 -9.22 10.61 -12.91
CA THR A 26 -8.48 11.53 -13.77
C THR A 26 -8.85 11.28 -15.23
N VAL A 27 -8.90 10.00 -15.60
CA VAL A 27 -9.33 9.62 -16.95
C VAL A 27 -10.76 10.09 -17.28
N ALA A 28 -11.69 9.90 -16.35
CA ALA A 28 -13.09 10.33 -16.55
C ALA A 28 -13.16 11.86 -16.70
N ALA A 29 -12.35 12.57 -15.91
CA ALA A 29 -12.39 14.05 -15.88
C ALA A 29 -11.88 14.63 -17.20
N ARG A 30 -11.12 13.82 -17.93
CA ARG A 30 -10.64 14.16 -19.27
C ARG A 30 -11.71 13.94 -20.35
N GLY A 31 -12.87 13.46 -19.95
CA GLY A 31 -14.02 13.31 -20.85
C GLY A 31 -14.20 11.93 -21.45
N HIS A 32 -13.42 10.96 -20.98
CA HIS A 32 -13.60 9.59 -21.43
C HIS A 32 -14.62 8.88 -20.57
N HIS A 33 -15.30 7.90 -21.15
CA HIS A 33 -16.26 7.09 -20.40
C HIS A 33 -15.52 5.97 -19.67
N VAL A 34 -15.62 5.97 -18.35
CA VAL A 34 -14.96 4.97 -17.53
C VAL A 34 -15.92 3.85 -17.15
N ARG A 35 -15.55 2.62 -17.53
CA ARG A 35 -16.29 1.41 -17.16
C ARG A 35 -15.42 0.65 -16.17
N VAL A 36 -16.02 0.19 -15.07
CA VAL A 36 -15.27 -0.59 -14.09
C VAL A 36 -15.89 -1.97 -13.93
N TYR A 37 -15.07 -3.02 -14.07
CA TYR A 37 -15.50 -4.39 -13.78
C TYR A 37 -14.85 -4.82 -12.47
N THR A 38 -15.67 -5.25 -11.51
CA THR A 38 -15.09 -5.75 -10.26
C THR A 38 -15.94 -6.89 -9.71
N GLN A 39 -15.35 -7.74 -8.88
CA GLN A 39 -16.13 -8.82 -8.25
C GLN A 39 -16.97 -8.25 -7.11
N SER A 40 -16.45 -7.21 -6.49
CA SER A 40 -17.17 -6.56 -5.39
C SER A 40 -16.70 -5.13 -5.23
N TRP A 41 -17.63 -4.28 -4.81
CA TRP A 41 -17.36 -2.88 -4.61
C TRP A 41 -17.90 -2.45 -3.24
N GLU A 42 -17.01 -2.05 -2.34
CA GLU A 42 -17.39 -1.52 -1.03
C GLU A 42 -17.10 -0.03 -0.99
N GLY A 43 -18.07 0.75 -0.54
CA GLY A 43 -17.90 2.19 -0.40
C GLY A 43 -18.50 2.99 -1.55
N ASP A 44 -18.31 4.31 -1.50
CA ASP A 44 -18.88 5.21 -2.50
C ASP A 44 -18.28 4.95 -3.87
N CYS A 45 -19.12 5.08 -4.91
CA CYS A 45 -18.66 4.98 -6.30
C CYS A 45 -19.01 6.27 -7.01
N PRO A 46 -18.03 6.92 -7.66
CA PRO A 46 -18.27 8.11 -8.49
C PRO A 46 -19.43 7.91 -9.46
N LYS A 47 -20.33 8.88 -9.53
CA LYS A 47 -21.54 8.74 -10.33
C LYS A 47 -21.23 8.58 -11.82
N ALA A 48 -20.11 9.17 -12.24
CA ALA A 48 -19.66 9.12 -13.64
C ALA A 48 -19.30 7.70 -14.10
N PHE A 49 -18.82 6.86 -13.18
CA PHE A 49 -18.35 5.52 -13.55
C PHE A 49 -19.50 4.59 -13.88
N GLU A 50 -19.34 3.80 -14.94
CA GLU A 50 -20.22 2.67 -15.19
C GLU A 50 -19.67 1.46 -14.43
N LEU A 51 -20.31 1.10 -13.33
CA LEU A 51 -19.84 0.01 -12.49
C LEU A 51 -20.56 -1.29 -12.83
N ILE A 52 -19.79 -2.32 -13.18
CA ILE A 52 -20.36 -3.63 -13.46
C ILE A 52 -19.82 -4.64 -12.45
N GLN A 53 -20.72 -5.22 -11.65
CA GLN A 53 -20.35 -6.25 -10.69
C GLN A 53 -20.35 -7.58 -11.44
N VAL A 54 -19.21 -8.27 -11.40
CA VAL A 54 -19.03 -9.50 -12.14
C VAL A 54 -19.37 -10.70 -11.25
N PRO A 55 -20.36 -11.51 -11.67
CA PRO A 55 -20.78 -12.61 -10.80
C PRO A 55 -19.79 -13.77 -10.88
N VAL A 56 -19.48 -14.33 -9.72
CA VAL A 56 -18.56 -15.45 -9.62
C VAL A 56 -19.13 -16.42 -8.59
N LYS A 57 -18.73 -17.67 -8.68
CA LYS A 57 -19.26 -18.66 -7.75
C LYS A 57 -18.24 -19.67 -7.23
N SER A 58 -17.00 -19.63 -7.73
CA SER A 58 -15.95 -20.53 -7.23
C SER A 58 -15.72 -20.36 -5.73
N HIS A 59 -15.21 -21.40 -5.08
CA HIS A 59 -14.95 -21.32 -3.64
C HIS A 59 -13.55 -20.85 -3.26
N THR A 60 -12.71 -20.59 -4.26
CA THR A 60 -11.36 -20.12 -4.03
C THR A 60 -11.17 -18.74 -4.66
N ASN A 61 -10.24 -17.95 -4.13
CA ASN A 61 -9.91 -16.67 -4.74
C ASN A 61 -9.44 -16.87 -6.16
N HIS A 62 -8.52 -17.81 -6.38
CA HIS A 62 -7.98 -18.02 -7.72
C HIS A 62 -9.06 -18.49 -8.70
N GLY A 63 -9.96 -19.35 -8.24
CA GLY A 63 -11.06 -19.83 -9.09
C GLY A 63 -11.97 -18.67 -9.49
N ARG A 64 -12.24 -17.81 -8.52
CA ARG A 64 -13.09 -16.63 -8.77
C ARG A 64 -12.42 -15.70 -9.77
N ASN A 65 -11.11 -15.53 -9.62
CA ASN A 65 -10.38 -14.63 -10.51
C ASN A 65 -10.44 -15.14 -11.95
N ALA A 66 -10.31 -16.46 -12.13
CA ALA A 66 -10.42 -17.05 -13.45
C ALA A 66 -11.82 -16.84 -14.05
N GLU A 67 -12.85 -17.07 -13.23
CA GLU A 67 -14.24 -16.79 -13.63
C GLU A 67 -14.45 -15.34 -14.04
N TYR A 68 -13.87 -14.44 -13.27
CA TYR A 68 -13.96 -13.01 -13.53
C TYR A 68 -13.36 -12.68 -14.90
N TYR A 69 -12.14 -13.19 -15.14
CA TYR A 69 -11.45 -12.94 -16.42
C TYR A 69 -12.35 -13.38 -17.58
N ALA A 70 -12.90 -14.59 -17.48
CA ALA A 70 -13.72 -15.14 -18.54
C ALA A 70 -15.01 -14.35 -18.77
N TRP A 71 -15.67 -13.97 -17.68
CA TRP A 71 -16.91 -13.19 -17.77
C TRP A 71 -16.67 -11.84 -18.43
N VAL A 72 -15.60 -11.16 -18.01
CA VAL A 72 -15.27 -9.85 -18.56
C VAL A 72 -14.92 -9.94 -20.05
N GLN A 73 -14.24 -11.02 -20.44
CA GLN A 73 -13.95 -11.22 -21.88
C GLN A 73 -15.23 -11.32 -22.68
N ASN A 74 -16.20 -12.07 -22.18
CA ASN A 74 -17.48 -12.20 -22.87
C ASN A 74 -18.23 -10.87 -22.92
N HIS A 75 -18.17 -10.11 -21.83
CA HIS A 75 -18.87 -8.83 -21.80
C HIS A 75 -18.22 -7.87 -22.79
N LEU A 76 -16.89 -7.83 -22.83
CA LEU A 76 -16.16 -6.98 -23.78
C LEU A 76 -16.46 -7.36 -25.23
N LYS A 77 -16.67 -8.66 -25.47
CA LYS A 77 -17.01 -9.13 -26.82
C LYS A 77 -18.30 -8.46 -27.33
N GLU A 78 -19.30 -8.36 -26.46
CA GLU A 78 -20.58 -7.77 -26.81
C GLU A 78 -20.60 -6.25 -26.66
N HIS A 79 -19.70 -5.73 -25.81
CA HIS A 79 -19.67 -4.31 -25.46
C HIS A 79 -18.21 -3.84 -25.48
N PRO A 80 -17.66 -3.64 -26.68
CA PRO A 80 -16.22 -3.36 -26.78
C PRO A 80 -15.78 -2.05 -26.11
N ALA A 81 -14.54 -2.04 -25.66
CA ALA A 81 -13.92 -0.86 -25.08
C ALA A 81 -12.75 -0.43 -25.96
N ASP A 82 -12.36 0.83 -25.86
CA ASP A 82 -11.21 1.33 -26.59
C ASP A 82 -9.88 0.94 -25.96
N ARG A 83 -9.86 0.81 -24.62
CA ARG A 83 -8.66 0.40 -23.92
C ARG A 83 -9.09 -0.38 -22.69
N VAL A 84 -8.29 -1.40 -22.34
CA VAL A 84 -8.56 -2.22 -21.16
C VAL A 84 -7.36 -2.07 -20.22
N VAL A 85 -7.63 -1.57 -19.01
CA VAL A 85 -6.58 -1.27 -18.04
C VAL A 85 -6.80 -2.15 -16.82
N GLY A 86 -5.81 -2.94 -16.44
CA GLY A 86 -5.94 -3.79 -15.26
C GLY A 86 -5.08 -3.34 -14.11
N PHE A 87 -5.63 -3.48 -12.90
CA PHE A 87 -4.89 -3.27 -11.65
C PHE A 87 -4.56 -4.58 -10.95
N ASN A 88 -4.99 -5.67 -11.57
CA ASN A 88 -4.58 -7.02 -11.21
C ASN A 88 -4.07 -7.72 -12.47
N LYS A 89 -3.15 -8.66 -12.28
CA LYS A 89 -2.54 -9.39 -13.40
C LYS A 89 -3.50 -10.43 -13.97
N PRO A 91 -4.87 -12.08 -18.26
CA PRO A 91 -4.75 -11.91 -19.71
C PRO A 91 -5.68 -10.80 -20.21
N GLY A 92 -5.35 -10.26 -21.40
CA GLY A 92 -6.28 -9.41 -22.13
C GLY A 92 -6.13 -7.92 -21.92
N LEU A 93 -5.13 -7.51 -21.13
CA LEU A 93 -4.95 -6.08 -20.77
C LEU A 93 -4.16 -5.33 -21.81
N ASP A 94 -4.58 -4.09 -22.06
CA ASP A 94 -3.76 -3.18 -22.86
C ASP A 94 -2.74 -2.47 -21.99
N VAL A 95 -3.11 -2.21 -20.74
CA VAL A 95 -2.23 -1.54 -19.78
C VAL A 95 -2.40 -2.25 -18.44
N TYR A 96 -1.30 -2.41 -17.71
CA TYR A 96 -1.34 -3.00 -16.37
C TYR A 96 -0.65 -2.05 -15.41
N PHE A 97 -1.26 -1.83 -14.24
CA PHE A 97 -0.65 -1.05 -13.16
C PHE A 97 -0.12 -2.01 -12.10
N ALA A 98 1.20 -1.98 -11.86
CA ALA A 98 1.86 -2.93 -10.98
C ALA A 98 1.75 -2.57 -9.51
N ALA A 99 0.60 -2.86 -8.91
CA ALA A 99 0.40 -2.57 -7.48
C ALA A 99 1.05 -3.61 -6.57
N ASP A 100 1.33 -4.77 -7.16
CA ASP A 100 1.76 -5.96 -6.41
C ASP A 100 3.23 -6.31 -6.71
N VAL A 101 3.81 -7.16 -5.87
CA VAL A 101 5.15 -7.66 -6.12
C VAL A 101 5.16 -8.68 -7.26
N CYS A 102 6.34 -8.97 -7.79
CA CYS A 102 6.49 -10.06 -8.75
C CYS A 102 6.29 -11.38 -8.03
N TYR A 103 5.25 -12.10 -8.43
CA TYR A 103 4.86 -13.36 -7.81
C TYR A 103 5.93 -14.45 -8.03
N ALA A 104 6.46 -14.52 -9.24
CA ALA A 104 7.47 -15.54 -9.58
C ALA A 104 8.70 -15.40 -8.67
N GLU A 105 9.06 -14.15 -8.38
CA GLU A 105 10.19 -13.86 -7.51
C GLU A 105 9.87 -14.19 -6.04
N LYS A 106 8.66 -13.84 -5.60
CA LYS A 106 8.23 -14.15 -4.24
C LYS A 106 8.31 -15.66 -4.00
N VAL A 107 7.75 -16.42 -4.93
CA VAL A 107 7.76 -17.88 -4.84
C VAL A 107 9.18 -18.43 -4.87
N ALA A 108 10.02 -17.92 -5.78
CA ALA A 108 11.40 -18.38 -5.90
C ALA A 108 12.17 -18.18 -4.60
N GLN A 109 11.92 -17.06 -3.93
CA GLN A 109 12.67 -16.69 -2.73
C GLN A 109 12.15 -17.34 -1.46
N GLU A 110 10.83 -17.51 -1.37
CA GLU A 110 10.20 -17.84 -0.09
C GLU A 110 9.52 -19.19 -0.02
N LYS A 111 9.16 -19.75 -1.18
CA LYS A 111 8.34 -20.94 -1.20
C LYS A 111 9.12 -22.16 -1.69
N GLY A 112 8.62 -23.34 -1.32
CA GLY A 112 9.23 -24.58 -1.72
C GLY A 112 8.35 -25.42 -2.62
N PHE A 113 8.73 -26.68 -2.75
CA PHE A 113 8.10 -27.59 -3.68
C PHE A 113 6.60 -27.78 -3.41
N LEU A 114 6.24 -28.01 -2.15
CA LEU A 114 4.84 -28.26 -1.82
C LEU A 114 3.94 -27.09 -2.20
N TYR A 115 4.44 -25.87 -2.03
CA TYR A 115 3.68 -24.69 -2.42
C TYR A 115 3.41 -24.66 -3.92
N ARG A 116 4.42 -25.06 -4.70
CA ARG A 116 4.33 -25.03 -6.16
C ARG A 116 3.48 -26.16 -6.72
N LEU A 117 3.05 -27.08 -5.86
CA LEU A 117 2.18 -28.17 -6.27
C LEU A 117 0.72 -27.74 -6.42
N THR A 118 0.39 -26.56 -5.91
CA THR A 118 -1.02 -26.17 -5.75
C THR A 118 -1.61 -25.56 -7.01
N SER A 119 -2.92 -25.75 -7.18
CA SER A 119 -3.64 -25.08 -8.27
C SER A 119 -3.59 -23.57 -8.12
N ARG A 120 -3.54 -23.10 -6.90
CA ARG A 120 -3.46 -21.70 -6.64
C ARG A 120 -2.15 -21.10 -7.22
N TYR A 121 -1.05 -21.71 -6.88
CA TYR A 121 0.23 -21.29 -7.45
C TYR A 121 0.13 -21.26 -8.99
N ARG A 122 -0.39 -22.34 -9.59
CA ARG A 122 -0.39 -22.40 -11.06
C ARG A 122 -1.21 -21.28 -11.68
N HIS A 123 -2.34 -20.96 -11.04
CA HIS A 123 -3.18 -19.86 -11.49
C HIS A 123 -2.46 -18.53 -11.41
N TYR A 124 -1.93 -18.19 -10.23
CA TYR A 124 -1.33 -16.87 -10.09
C TYR A 124 -0.11 -16.72 -11.00
N ALA A 125 0.66 -17.79 -11.13
CA ALA A 125 1.80 -17.78 -12.05
C ALA A 125 1.37 -17.57 -13.48
N ALA A 126 0.32 -18.29 -13.92
CA ALA A 126 -0.18 -18.18 -15.29
C ALA A 126 -0.71 -16.78 -15.60
N PHE A 127 -1.43 -16.18 -14.65
CA PHE A 127 -2.00 -14.87 -14.90
C PHE A 127 -0.91 -13.78 -14.90
N GLU A 128 0.11 -13.93 -14.07
CA GLU A 128 1.25 -12.99 -14.13
C GLU A 128 2.02 -13.18 -15.44
N ARG A 129 2.30 -14.43 -15.79
CA ARG A 129 2.94 -14.76 -17.08
C ARG A 129 2.19 -14.16 -18.28
N ALA A 130 0.87 -14.28 -18.29
CA ALA A 130 0.05 -13.71 -19.37
C ALA A 130 0.26 -12.22 -19.51
N THR A 131 0.51 -11.54 -18.38
CA THR A 131 0.66 -10.10 -18.39
C THR A 131 2.06 -9.68 -18.86
N PHE A 132 3.09 -10.37 -18.36
CA PHE A 132 4.50 -9.94 -18.53
C PHE A 132 5.33 -10.65 -19.61
N GLU A 133 4.86 -11.79 -20.09
CA GLU A 133 5.68 -12.58 -21.02
C GLU A 133 5.96 -11.83 -22.33
N GLN A 134 7.03 -12.22 -23.00
CA GLN A 134 7.39 -11.66 -24.30
C GLN A 134 6.28 -11.86 -25.32
N GLY A 135 6.18 -10.94 -26.27
CA GLY A 135 5.22 -11.04 -27.36
C GLY A 135 3.87 -10.40 -27.08
N LYS A 136 3.62 -10.05 -25.82
CA LYS A 136 2.40 -9.33 -25.46
C LYS A 136 2.61 -7.82 -25.65
N SER A 137 1.51 -7.12 -25.94
CA SER A 137 1.56 -5.67 -26.20
C SER A 137 1.32 -4.83 -24.94
N THR A 138 0.89 -5.50 -23.86
CA THR A 138 0.51 -4.82 -22.61
C THR A 138 1.58 -3.83 -22.11
N LYS A 139 1.18 -2.58 -21.94
CA LYS A 139 2.06 -1.57 -21.35
C LYS A 139 2.06 -1.75 -19.84
N LEU A 140 3.23 -1.58 -19.22
CA LEU A 140 3.43 -2.02 -17.86
C LEU A 140 3.86 -0.83 -17.01
N LEU A 143 6.04 0.76 -10.30
CA LEU A 143 6.26 1.63 -9.15
C LEU A 143 7.72 1.69 -8.73
N THR A 144 8.46 0.60 -8.91
CA THR A 144 9.86 0.60 -8.48
C THR A 144 10.80 -0.10 -9.47
N ASP A 145 12.08 0.29 -9.40
CA ASP A 145 13.13 -0.40 -10.15
C ASP A 145 13.27 -1.87 -9.76
N LYS A 146 13.02 -2.18 -8.49
CA LYS A 146 13.09 -3.56 -8.01
C LYS A 146 12.03 -4.43 -8.68
N GLN A 147 10.80 -3.93 -8.79
CA GLN A 147 9.77 -4.63 -9.55
C GLN A 147 10.26 -4.95 -10.95
N ILE A 148 10.76 -3.93 -11.65
CA ILE A 148 11.22 -4.10 -13.03
C ILE A 148 12.30 -5.18 -13.09
N ALA A 149 13.27 -5.10 -12.18
CA ALA A 149 14.37 -6.10 -12.12
C ALA A 149 13.82 -7.53 -11.95
N ASP A 150 12.87 -7.68 -11.03
CA ASP A 150 12.23 -8.99 -10.79
C ASP A 150 11.51 -9.53 -12.01
N PHE A 151 10.70 -8.68 -12.65
CA PHE A 151 9.94 -9.12 -13.83
C PHE A 151 10.84 -9.49 -15.00
N GLN A 152 11.90 -8.70 -15.19
CA GLN A 152 12.90 -9.02 -16.23
C GLN A 152 13.59 -10.36 -15.97
N LYS A 153 13.93 -10.62 -14.72
CA LYS A 153 14.57 -11.88 -14.31
C LYS A 153 13.72 -13.10 -14.69
N HIS A 154 12.42 -13.02 -14.42
CA HIS A 154 11.55 -14.16 -14.61
C HIS A 154 10.88 -14.25 -15.98
N TYR A 155 10.71 -13.11 -16.66
CA TYR A 155 9.97 -13.10 -17.91
C TYR A 155 10.72 -12.56 -19.13
N GLN A 156 11.84 -11.89 -18.89
CA GLN A 156 12.65 -11.30 -19.98
C GLN A 156 11.77 -10.38 -20.84
N THR A 157 10.86 -9.69 -20.17
CA THR A 157 9.95 -8.74 -20.79
C THR A 157 10.70 -7.69 -21.61
N GLU A 158 10.15 -7.36 -22.79
CA GLU A 158 10.73 -6.32 -23.65
C GLU A 158 10.84 -5.03 -22.83
N PRO A 159 12.07 -4.49 -22.67
CA PRO A 159 12.29 -3.32 -21.80
C PRO A 159 11.42 -2.11 -22.13
N GLU A 160 11.09 -1.93 -23.41
CA GLU A 160 10.30 -0.78 -23.87
C GLU A 160 8.88 -0.76 -23.30
N ARG A 161 8.39 -1.91 -22.84
CA ARG A 161 7.03 -2.00 -22.31
C ARG A 161 6.93 -1.45 -20.89
N PHE A 162 8.05 -1.37 -20.19
CA PHE A 162 8.05 -0.79 -18.82
C PHE A 162 8.03 0.73 -18.83
N GLN A 163 7.23 1.31 -17.95
CA GLN A 163 7.34 2.75 -17.68
C GLN A 163 7.17 2.97 -16.18
N ILE A 164 8.22 3.42 -15.51
CA ILE A 164 8.11 3.73 -14.08
C ILE A 164 7.33 5.03 -13.88
N LEU A 165 6.45 5.04 -12.87
CA LEU A 165 5.64 6.20 -12.53
C LEU A 165 6.15 6.77 -11.20
N PRO A 166 6.03 8.09 -10.99
CA PRO A 166 6.25 8.70 -9.67
C PRO A 166 5.12 8.27 -8.74
N PRO A 167 5.27 8.54 -7.44
CA PRO A 167 4.19 8.24 -6.50
C PRO A 167 2.93 9.10 -6.70
N GLY A 168 1.82 8.62 -6.16
CA GLY A 168 0.55 9.35 -6.24
C GLY A 168 -0.09 9.58 -4.89
N ILE A 169 0.63 10.24 -3.99
CA ILE A 169 0.12 10.52 -2.65
C ILE A 169 -1.00 11.56 -2.76
N TYR A 170 -2.12 11.32 -2.08
CA TYR A 170 -3.25 12.26 -2.10
C TYR A 170 -2.86 13.50 -1.30
N PRO A 171 -3.07 14.70 -1.87
CA PRO A 171 -2.66 15.92 -1.14
C PRO A 171 -3.29 16.15 0.23
N ASP A 172 -4.42 15.49 0.52
CA ASP A 172 -5.08 15.75 1.80
C ASP A 172 -4.25 15.24 3.00
N ARG A 173 -3.23 14.43 2.74
CA ARG A 173 -2.34 14.00 3.83
C ARG A 173 -1.26 15.02 4.20
N LYS A 174 -1.01 15.98 3.32
CA LYS A 174 0.10 16.91 3.48
C LYS A 174 -0.07 17.81 4.69
N TYR A 175 1.03 18.04 5.40
CA TYR A 175 1.01 18.85 6.61
C TYR A 175 0.42 20.24 6.32
N SER A 176 0.74 20.79 5.15
CA SER A 176 0.30 22.14 4.81
C SER A 176 -1.16 22.23 4.37
N GLU A 177 -1.80 21.07 4.21
CA GLU A 177 -3.23 20.99 3.89
C GLU A 177 -4.09 20.74 5.13
N GLN A 178 -3.46 20.75 6.30
CA GLN A 178 -4.20 20.52 7.53
C GLN A 178 -4.72 21.82 8.12
N ILE A 179 -5.76 21.71 8.94
CA ILE A 179 -6.30 22.87 9.65
C ILE A 179 -5.24 23.41 10.61
N PRO A 180 -5.32 24.70 10.98
CA PRO A 180 -4.39 25.17 12.02
C PRO A 180 -4.59 24.38 13.32
N ASN A 181 -3.52 24.18 14.07
CA ASN A 181 -3.59 23.41 15.34
C ASN A 181 -3.99 21.95 15.14
N SER A 182 -3.77 21.42 13.94
CA SER A 182 -4.15 20.04 13.62
C SER A 182 -3.59 19.01 14.62
N ARG A 183 -2.33 19.17 15.00
CA ARG A 183 -1.73 18.22 15.95
C ARG A 183 -2.50 18.17 17.27
N GLU A 184 -2.71 19.33 17.90
CA GLU A 184 -3.50 19.42 19.14
C GLU A 184 -4.95 18.96 19.00
N ILE A 185 -5.63 19.43 17.95
CA ILE A 185 -7.03 19.08 17.72
C ILE A 185 -7.24 17.58 17.51
N TYR A 186 -6.38 16.97 16.70
CA TYR A 186 -6.57 15.58 16.35
C TYR A 186 -6.06 14.63 17.44
N ARG A 187 -5.07 15.07 18.20
CA ARG A 187 -4.68 14.32 19.41
C ARG A 187 -5.83 14.34 20.40
N GLN A 188 -6.43 15.52 20.62
CA GLN A 188 -7.57 15.60 21.53
C GLN A 188 -8.75 14.74 21.05
N LYS A 189 -9.06 14.82 19.76
CA LYS A 189 -10.13 14.03 19.16
C LYS A 189 -9.97 12.52 19.41
N ASN A 190 -8.73 12.06 19.42
CA ASN A 190 -8.39 10.65 19.55
C ASN A 190 -7.96 10.22 20.96
N GLY A 191 -8.17 11.10 21.94
CA GLY A 191 -7.90 10.76 23.35
C GLY A 191 -6.42 10.64 23.69
N ILE A 192 -5.58 11.33 22.93
CA ILE A 192 -4.13 11.32 23.14
C ILE A 192 -3.69 12.49 24.03
N LYS A 193 -3.03 12.18 25.13
CA LYS A 193 -2.55 13.22 26.05
C LYS A 193 -1.23 13.83 25.60
N GLU A 194 -0.90 15.01 26.14
CA GLU A 194 0.32 15.74 25.77
C GLU A 194 1.62 14.96 25.97
N GLN A 195 1.71 14.20 27.05
CA GLN A 195 2.94 13.48 27.35
C GLN A 195 3.02 12.12 26.67
N GLN A 196 1.95 11.71 25.98
CA GLN A 196 1.91 10.36 25.40
C GLN A 196 2.58 10.32 24.04
N ASN A 197 3.30 9.22 23.79
CA ASN A 197 3.89 8.95 22.49
C ASN A 197 2.91 8.11 21.68
N LEU A 198 2.47 8.64 20.55
CA LEU A 198 1.54 7.91 19.70
C LEU A 198 2.28 7.30 18.51
N LEU A 199 2.36 5.97 18.51
CA LEU A 199 2.91 5.22 17.38
C LEU A 199 1.74 4.86 16.49
N LEU A 200 1.90 5.01 15.18
CA LEU A 200 0.82 4.75 14.23
C LEU A 200 1.23 3.73 13.19
N GLN A 201 0.41 2.70 13.00
CA GLN A 201 0.65 1.77 11.91
C GLN A 201 -0.63 1.64 11.08
N VAL A 202 -0.53 1.92 9.79
CA VAL A 202 -1.72 1.97 8.91
C VAL A 202 -1.52 0.99 7.76
N GLY A 203 -2.54 0.16 7.53
CA GLY A 203 -2.52 -0.79 6.42
C GLY A 203 -3.43 -1.98 6.66
N SER A 204 -4.07 -2.45 5.59
CA SER A 204 -5.10 -3.48 5.70
C SER A 204 -4.58 -4.92 5.56
N ASP A 205 -3.36 -5.16 6.00
CA ASP A 205 -2.81 -6.52 6.04
C ASP A 205 -1.79 -6.54 7.17
N PHE A 206 -2.30 -6.81 8.37
CA PHE A 206 -1.50 -6.66 9.59
C PHE A 206 -0.30 -7.61 9.60
N GLY A 207 -0.52 -8.85 9.20
CA GLY A 207 0.55 -9.84 9.19
C GLY A 207 1.66 -9.45 8.23
N ARG A 208 1.29 -9.15 6.99
CA ARG A 208 2.26 -8.83 5.97
C ARG A 208 3.04 -7.57 6.36
N LYS A 209 2.37 -6.64 7.02
CA LYS A 209 2.96 -5.34 7.31
C LYS A 209 3.71 -5.30 8.65
N GLY A 210 3.81 -6.44 9.32
CA GLY A 210 4.70 -6.50 10.49
C GLY A 210 4.15 -5.89 11.77
N VAL A 211 2.82 -5.92 11.92
CA VAL A 211 2.18 -5.43 13.14
C VAL A 211 2.77 -6.14 14.36
N ASP A 212 3.08 -7.44 14.19
CA ASP A 212 3.74 -8.21 15.25
C ASP A 212 5.08 -7.59 15.66
N ARG A 213 5.86 -7.13 14.67
CA ARG A 213 7.16 -6.49 14.96
C ARG A 213 6.99 -5.16 15.69
N SER A 214 5.96 -4.40 15.34
CA SER A 214 5.67 -3.15 16.03
C SER A 214 5.27 -3.39 17.47
N ILE A 215 4.43 -4.41 17.70
CA ILE A 215 4.00 -4.75 19.05
C ILE A 215 5.19 -5.25 19.89
N GLU A 216 6.04 -6.08 19.30
CA GLU A 216 7.28 -6.50 19.99
C GLU A 216 8.15 -5.31 20.36
N ALA A 217 8.29 -4.35 19.45
CA ALA A 217 9.09 -3.16 19.71
C ALA A 217 8.51 -2.31 20.85
N LEU A 218 7.19 -2.13 20.84
CA LEU A 218 6.52 -1.42 21.91
C LEU A 218 6.79 -2.10 23.25
N ALA A 219 6.64 -3.42 23.29
CA ALA A 219 6.79 -4.18 24.53
C ALA A 219 8.22 -4.14 25.07
N SER A 220 9.18 -3.96 24.18
CA SER A 220 10.60 -3.92 24.56
C SER A 220 11.03 -2.63 25.27
N LEU A 221 10.20 -1.59 25.20
CA LEU A 221 10.54 -0.29 25.75
C LEU A 221 10.67 -0.38 27.27
N PRO A 222 11.59 0.41 27.83
CA PRO A 222 11.68 0.45 29.29
C PRO A 222 10.34 0.83 29.91
N GLU A 223 10.11 0.36 31.13
CA GLU A 223 8.80 0.43 31.80
C GLU A 223 8.11 1.81 31.77
N SER A 224 8.81 2.86 32.20
CA SER A 224 8.19 4.19 32.29
C SER A 224 7.85 4.75 30.92
N LEU A 225 8.79 4.61 29.98
CA LEU A 225 8.54 5.03 28.59
C LEU A 225 7.38 4.24 27.98
N ARG A 226 7.39 2.93 28.19
CA ARG A 226 6.33 2.07 27.67
C ARG A 226 4.93 2.48 28.18
N HIS A 227 4.84 2.84 29.47
CA HIS A 227 3.56 3.25 30.09
C HIS A 227 2.96 4.48 29.41
N ASN A 228 3.84 5.29 28.81
CA ASN A 228 3.47 6.53 28.15
C ASN A 228 3.31 6.36 26.65
N THR A 229 3.39 5.12 26.16
CA THR A 229 3.41 4.89 24.71
C THR A 229 2.24 4.04 24.23
N LEU A 230 1.55 4.55 23.20
CA LEU A 230 0.39 3.87 22.61
C LEU A 230 0.71 3.52 21.18
N LEU A 231 0.11 2.43 20.70
CA LEU A 231 0.21 2.06 19.28
C LEU A 231 -1.18 1.94 18.70
N PHE A 232 -1.49 2.77 17.70
CA PHE A 232 -2.71 2.63 16.92
C PHE A 232 -2.43 1.76 15.71
N VAL A 233 -3.19 0.69 15.56
CA VAL A 233 -3.10 -0.21 14.40
C VAL A 233 -4.42 -0.08 13.64
N VAL A 234 -4.31 0.40 12.40
CA VAL A 234 -5.49 0.82 11.64
C VAL A 234 -5.54 0.12 10.30
N GLY A 235 -6.61 -0.62 10.04
CA GLY A 235 -6.83 -1.22 8.72
C GLY A 235 -7.96 -2.22 8.69
N GLN A 236 -8.38 -2.54 7.46
CA GLN A 236 -9.44 -3.52 7.26
C GLN A 236 -8.84 -4.94 7.30
N ASP A 237 -8.59 -5.40 8.53
CA ASP A 237 -8.05 -6.73 8.78
C ASP A 237 -8.46 -7.15 10.18
N LYS A 238 -8.30 -8.43 10.48
CA LYS A 238 -8.74 -9.00 11.77
C LYS A 238 -7.66 -8.86 12.84
N PRO A 239 -7.98 -8.17 13.96
CA PRO A 239 -6.98 -7.95 15.02
C PRO A 239 -6.60 -9.15 15.89
N ARG A 240 -7.39 -10.23 15.85
CA ARG A 240 -7.33 -11.29 16.86
C ARG A 240 -5.92 -11.79 17.21
N LYS A 241 -5.17 -12.23 16.21
CA LYS A 241 -3.83 -12.78 16.45
C LYS A 241 -2.93 -11.75 17.13
N PHE A 242 -3.14 -10.49 16.79
CA PHE A 242 -2.28 -9.41 17.26
C PHE A 242 -2.66 -8.93 18.64
N GLU A 243 -3.95 -9.01 18.96
CA GLU A 243 -4.44 -8.84 20.33
C GLU A 243 -3.83 -9.89 21.23
N ALA A 244 -3.82 -11.14 20.75
CA ALA A 244 -3.22 -12.25 21.53
C ALA A 244 -1.75 -11.99 21.83
N LEU A 245 -1.02 -11.51 20.82
CA LEU A 245 0.39 -11.19 20.98
C LEU A 245 0.60 -10.06 21.98
N ALA A 246 -0.21 -9.01 21.88
CA ALA A 246 -0.11 -7.88 22.81
C ALA A 246 -0.37 -8.35 24.25
N GLU A 247 -1.36 -9.22 24.42
CA GLU A 247 -1.64 -9.81 25.74
C GLU A 247 -0.44 -10.60 26.24
N LYS A 248 0.11 -11.46 25.39
CA LYS A 248 1.29 -12.26 25.75
C LYS A 248 2.39 -11.37 26.31
N LEU A 249 2.62 -10.23 25.64
CA LEU A 249 3.72 -9.34 25.95
C LEU A 249 3.40 -8.28 27.03
N GLY A 250 2.17 -8.27 27.51
CA GLY A 250 1.77 -7.38 28.60
C GLY A 250 1.53 -5.94 28.17
N VAL A 251 1.19 -5.77 26.90
CA VAL A 251 0.91 -4.45 26.32
C VAL A 251 -0.46 -4.35 25.62
N ARG A 252 -1.40 -5.20 26.02
CA ARG A 252 -2.72 -5.12 25.41
C ARG A 252 -3.38 -3.74 25.56
N SER A 253 -3.25 -3.11 26.73
CA SER A 253 -3.88 -1.81 26.95
C SER A 253 -3.21 -0.69 26.16
N ASN A 254 -1.95 -0.89 25.78
CA ASN A 254 -1.20 0.10 25.01
C ASN A 254 -1.60 0.10 23.54
N VAL A 255 -2.22 -0.98 23.08
CA VAL A 255 -2.49 -1.16 21.65
C VAL A 255 -3.96 -0.98 21.35
N HIS A 256 -4.24 -0.13 20.36
CA HIS A 256 -5.60 0.19 19.98
C HIS A 256 -5.80 -0.19 18.53
N PHE A 257 -6.69 -1.15 18.28
CA PHE A 257 -6.98 -1.66 16.93
C PHE A 257 -8.22 -1.02 16.38
N PHE A 258 -8.16 -0.64 15.10
CA PHE A 258 -9.31 -0.09 14.40
C PHE A 258 -9.46 -0.79 13.05
N SER A 259 -10.71 -0.85 12.57
CA SER A 259 -11.01 -1.28 11.21
C SER A 259 -10.55 -0.17 10.26
N GLY A 260 -10.90 -0.28 8.97
CA GLY A 260 -10.53 0.75 8.01
C GLY A 260 -11.00 2.12 8.45
N ARG A 261 -10.11 3.11 8.41
CA ARG A 261 -10.43 4.49 8.77
C ARG A 261 -10.22 5.47 7.61
N ASN A 262 -11.11 6.46 7.52
CA ASN A 262 -11.06 7.51 6.50
C ASN A 262 -10.36 8.78 6.99
N ASP A 263 -9.84 8.74 8.22
CA ASP A 263 -9.20 9.90 8.84
C ASP A 263 -7.70 9.71 9.07
N VAL A 264 -7.07 8.91 8.21
CA VAL A 264 -5.61 8.69 8.33
C VAL A 264 -4.79 9.99 8.30
N SER A 265 -5.22 10.98 7.52
CA SER A 265 -4.55 12.27 7.48
C SER A 265 -4.53 12.93 8.87
N GLU A 266 -5.64 12.77 9.62
CA GLU A 266 -5.73 13.32 10.96
C GLU A 266 -4.83 12.55 11.95
N LEU A 267 -4.86 11.22 11.84
CA LEU A 267 -3.99 10.39 12.68
C LEU A 267 -2.51 10.69 12.45
N ALA A 269 -1.28 13.57 11.50
CA ALA A 269 -1.03 14.86 12.12
C ALA A 269 -0.84 14.73 13.62
N ALA A 270 -1.53 13.76 14.20
CA ALA A 270 -1.51 13.56 15.66
C ALA A 270 -0.32 12.75 16.14
N ALA A 271 0.17 11.86 15.28
CA ALA A 271 1.13 10.85 15.69
C ALA A 271 2.56 11.38 15.86
N ASP A 272 3.35 10.58 16.58
CA ASP A 272 4.75 10.88 16.82
C ASP A 272 5.70 10.09 15.95
N LEU A 273 5.35 8.84 15.65
CA LEU A 273 6.11 8.04 14.66
C LEU A 273 5.15 7.16 13.88
N LEU A 274 5.46 6.95 12.60
CA LEU A 274 4.84 5.87 11.82
C LEU A 274 5.73 4.63 11.97
N LEU A 275 5.12 3.51 12.36
CA LEU A 275 5.81 2.22 12.35
C LEU A 275 5.29 1.41 11.18
N HIS A 276 6.21 0.93 10.33
CA HIS A 276 5.81 0.09 9.21
C HIS A 276 6.87 -0.96 8.89
N PRO A 277 7.11 -1.90 9.82
CA PRO A 277 8.18 -2.88 9.62
C PRO A 277 7.69 -4.10 8.81
N ALA A 278 7.30 -3.84 7.57
CA ALA A 278 6.67 -4.86 6.74
C ALA A 278 7.62 -6.00 6.37
N TYR A 279 7.03 -7.18 6.22
CA TYR A 279 7.69 -8.33 5.64
C TYR A 279 7.76 -8.22 4.12
N GLN A 280 6.71 -7.63 3.54
CA GLN A 280 6.60 -7.52 2.10
C GLN A 280 5.76 -6.30 1.76
N GLU A 281 6.24 -5.51 0.80
CA GLU A 281 5.57 -4.29 0.42
C GLU A 281 6.10 -3.82 -0.94
N ALA A 282 5.26 -3.89 -1.97
CA ALA A 282 5.68 -3.51 -3.32
C ALA A 282 6.15 -2.06 -3.36
N ALA A 283 5.40 -1.22 -2.65
CA ALA A 283 5.75 0.19 -2.59
C ALA A 283 5.55 0.70 -1.17
N GLY A 284 4.31 0.98 -0.78
CA GLY A 284 4.01 1.40 0.57
C GLY A 284 3.66 2.88 0.60
N ILE A 285 2.46 3.20 0.11
CA ILE A 285 1.94 4.56 0.08
C ILE A 285 2.03 5.21 1.47
N VAL A 286 1.71 4.46 2.53
CA VAL A 286 1.73 5.07 3.86
C VAL A 286 3.09 5.67 4.25
N LEU A 287 4.17 5.09 3.71
CA LEU A 287 5.49 5.63 4.00
C LEU A 287 5.63 7.06 3.50
N LEU A 288 5.16 7.30 2.27
CA LEU A 288 5.25 8.64 1.71
C LEU A 288 4.18 9.58 2.25
N GLU A 289 3.01 9.04 2.57
CA GLU A 289 2.00 9.85 3.24
C GLU A 289 2.58 10.44 4.52
N ALA A 290 3.29 9.60 5.28
CA ALA A 290 3.92 10.06 6.53
C ALA A 290 4.91 11.18 6.23
N ILE A 291 5.75 11.01 5.22
CA ILE A 291 6.65 12.10 4.79
C ILE A 291 5.85 13.40 4.59
N THR A 292 4.79 13.34 3.78
CA THR A 292 4.03 14.58 3.50
C THR A 292 3.36 15.18 4.74
N ALA A 293 3.04 14.32 5.71
CA ALA A 293 2.43 14.75 6.95
C ALA A 293 3.45 15.31 7.95
N GLY A 294 4.74 15.22 7.63
CA GLY A 294 5.77 15.61 8.60
C GLY A 294 5.91 14.62 9.74
N LEU A 295 5.59 13.35 9.46
CA LEU A 295 5.61 12.28 10.47
C LEU A 295 6.81 11.35 10.22
N PRO A 296 7.78 11.34 11.15
CA PRO A 296 8.95 10.46 10.95
C PRO A 296 8.57 8.97 10.94
N VAL A 297 9.41 8.16 10.28
CA VAL A 297 9.02 6.79 9.90
C VAL A 297 10.09 5.79 10.31
N LEU A 298 9.67 4.68 10.93
CA LEU A 298 10.51 3.49 11.10
C LEU A 298 9.98 2.39 10.18
N THR A 299 10.81 1.92 9.26
CA THR A 299 10.35 0.91 8.29
C THR A 299 11.47 -0.06 7.95
N THR A 300 11.20 -0.95 7.00
CA THR A 300 12.12 -2.02 6.64
C THR A 300 12.57 -1.90 5.20
N ALA A 301 13.81 -2.33 4.94
CA ALA A 301 14.44 -2.18 3.63
C ALA A 301 13.70 -2.92 2.51
N VAL A 302 12.94 -3.94 2.86
CA VAL A 302 12.18 -4.69 1.84
C VAL A 302 11.06 -3.88 1.16
N CYS A 303 10.62 -2.79 1.78
CA CYS A 303 9.54 -1.99 1.19
C CYS A 303 10.04 -1.23 -0.02
N GLY A 304 9.30 -1.31 -1.12
CA GLY A 304 9.68 -0.60 -2.35
C GLY A 304 9.97 0.86 -2.13
N TYR A 305 9.19 1.51 -1.27
CA TYR A 305 9.35 2.95 -1.01
C TYR A 305 10.20 3.30 0.21
N ALA A 306 10.81 2.29 0.86
CA ALA A 306 11.66 2.57 2.02
C ALA A 306 12.78 3.56 1.71
N HIS A 307 13.33 3.51 0.50
CA HIS A 307 14.46 4.38 0.18
C HIS A 307 14.09 5.86 0.35
N TYR A 308 12.81 6.20 0.18
CA TYR A 308 12.38 7.58 0.31
C TYR A 308 12.57 8.10 1.73
N ILE A 309 12.50 7.21 2.72
CA ILE A 309 12.72 7.61 4.12
C ILE A 309 14.19 8.01 4.32
N ALA A 310 15.08 7.24 3.72
CA ALA A 310 16.50 7.60 3.76
C ALA A 310 16.76 8.85 2.93
N ASP A 311 16.13 8.95 1.76
CA ASP A 311 16.30 10.12 0.89
C ASP A 311 15.83 11.41 1.56
N ALA A 312 14.63 11.36 2.16
CA ALA A 312 14.08 12.51 2.90
C ALA A 312 14.77 12.74 4.24
N ASN A 313 15.54 11.74 4.68
CA ASN A 313 16.28 11.82 5.95
C ASN A 313 15.30 12.07 7.12
N CYS A 314 14.25 11.26 7.16
CA CYS A 314 13.16 11.49 8.11
C CYS A 314 12.76 10.25 8.88
N GLY A 315 13.73 9.37 9.10
CA GLY A 315 13.48 8.15 9.86
C GLY A 315 14.59 7.15 9.61
N THR A 316 14.31 5.90 9.94
CA THR A 316 15.29 4.84 9.84
C THR A 316 14.71 3.66 9.10
N VAL A 317 15.51 3.14 8.17
CA VAL A 317 15.18 1.95 7.40
C VAL A 317 15.99 0.80 7.95
N ILE A 318 15.28 -0.19 8.47
CA ILE A 318 15.87 -1.37 9.11
C ILE A 318 16.31 -2.34 8.02
N ALA A 319 17.58 -2.74 8.08
CA ALA A 319 18.18 -3.53 7.02
C ALA A 319 17.77 -5.00 7.08
N GLU A 320 17.95 -5.72 5.98
CA GLU A 320 17.81 -7.17 5.97
C GLU A 320 19.19 -7.80 6.20
N PRO A 321 19.23 -8.96 6.89
CA PRO A 321 18.09 -9.63 7.51
C PRO A 321 17.56 -8.84 8.71
N PHE A 322 16.24 -8.81 8.84
CA PHE A 322 15.60 -8.03 9.89
C PHE A 322 16.06 -8.44 11.29
N SER A 323 16.43 -7.42 12.07
CA SER A 323 16.78 -7.60 13.48
C SER A 323 15.74 -6.90 14.36
N GLN A 324 14.96 -7.68 15.10
CA GLN A 324 14.02 -7.10 16.06
C GLN A 324 14.75 -6.22 17.08
N GLU A 325 15.89 -6.69 17.57
CA GLU A 325 16.68 -5.87 18.49
C GLU A 325 17.04 -4.50 17.93
N GLN A 326 17.40 -4.43 16.65
CA GLN A 326 17.66 -3.13 16.02
C GLN A 326 16.40 -2.26 16.02
N LEU A 327 15.26 -2.81 15.60
CA LEU A 327 14.01 -2.04 15.66
C LEU A 327 13.71 -1.53 17.07
N ASN A 328 13.87 -2.42 18.07
CA ASN A 328 13.65 -2.06 19.48
C ASN A 328 14.48 -0.85 19.91
N GLU A 329 15.77 -0.89 19.60
CA GLU A 329 16.69 0.16 19.99
C GLU A 329 16.40 1.44 19.23
N VAL A 330 16.11 1.31 17.94
CA VAL A 330 15.78 2.47 17.11
C VAL A 330 14.52 3.18 17.67
N LEU A 331 13.54 2.39 18.06
CA LEU A 331 12.33 2.95 18.63
C LEU A 331 12.58 3.69 19.95
N ARG A 332 13.37 3.05 20.83
CA ARG A 332 13.72 3.65 22.11
C ARG A 332 14.46 4.99 21.91
N LYS A 333 15.44 5.00 21.01
CA LYS A 333 16.20 6.22 20.68
C LYS A 333 15.30 7.32 20.12
N ALA A 334 14.47 6.96 19.16
CA ALA A 334 13.57 7.93 18.53
C ALA A 334 12.63 8.59 19.54
N LEU A 335 12.15 7.81 20.50
CA LEU A 335 11.21 8.32 21.49
C LEU A 335 11.90 9.12 22.60
N THR A 336 13.19 8.88 22.80
CA THR A 336 13.92 9.53 23.90
C THR A 336 14.72 10.74 23.43
N GLN A 337 14.93 10.84 22.12
CA GLN A 337 15.72 11.94 21.56
C GLN A 337 14.86 12.90 20.74
N SER A 338 14.25 13.86 21.44
CA SER A 338 13.40 14.88 20.83
C SER A 338 14.05 15.64 19.66
N PRO A 339 15.30 16.14 19.82
CA PRO A 339 15.93 16.84 18.70
C PRO A 339 16.00 16.00 17.43
N LEU A 340 16.25 14.69 17.58
CA LEU A 340 16.33 13.79 16.44
C LEU A 340 14.98 13.72 15.75
N ARG A 341 13.95 13.43 16.54
CA ARG A 341 12.58 13.32 16.01
C ARG A 341 12.12 14.64 15.36
N ALA A 343 14.05 17.00 14.05
CA ALA A 343 14.82 17.15 12.81
C ALA A 343 14.25 16.27 11.70
N TRP A 344 13.96 15.01 12.02
CA TRP A 344 13.31 14.13 11.05
C TRP A 344 12.01 14.73 10.51
N ALA A 345 11.19 15.30 11.41
CA ALA A 345 9.89 15.85 11.04
C ALA A 345 10.05 17.05 10.10
N GLU A 346 11.01 17.92 10.41
CA GLU A 346 11.31 19.07 9.56
C GLU A 346 11.83 18.60 8.21
N ASN A 347 12.70 17.60 8.22
CA ASN A 347 13.25 17.04 6.99
C ASN A 347 12.16 16.46 6.09
N ALA A 348 11.19 15.77 6.70
CA ALA A 348 10.05 15.24 5.95
C ALA A 348 9.26 16.35 5.27
N ARG A 349 8.93 17.41 6.02
CA ARG A 349 8.16 18.52 5.48
C ARG A 349 8.89 19.15 4.29
N HIS A 350 10.20 19.36 4.45
CA HIS A 350 11.01 19.92 3.37
C HIS A 350 10.96 19.06 2.11
N TYR A 351 11.09 17.74 2.29
CA TYR A 351 11.10 16.83 1.16
C TYR A 351 9.73 16.87 0.46
N ALA A 352 8.66 16.86 1.25
CA ALA A 352 7.30 16.90 0.71
C ALA A 352 7.03 18.14 -0.12
N ASP A 353 7.73 19.22 0.24
CA ASP A 353 7.57 20.51 -0.45
C ASP A 353 8.40 20.64 -1.71
N THR A 354 9.36 19.73 -1.90
CA THR A 354 10.36 19.90 -2.98
C THR A 354 10.44 18.72 -3.95
N GLN A 355 9.71 17.65 -3.66
CA GLN A 355 9.80 16.43 -4.47
C GLN A 355 8.46 16.04 -5.08
N ASP A 356 8.53 15.37 -6.24
CA ASP A 356 7.30 14.90 -6.87
C ASP A 356 6.83 13.58 -6.27
N LEU A 357 5.94 13.69 -5.28
CA LEU A 357 5.40 12.48 -4.68
C LEU A 357 3.94 12.33 -5.07
N TYR A 358 3.52 13.06 -6.09
CA TYR A 358 2.09 13.29 -6.31
C TYR A 358 1.56 13.05 -7.73
N SER A 359 2.42 13.10 -8.74
CA SER A 359 1.94 13.16 -10.13
C SER A 359 1.50 11.84 -10.77
N LEU A 360 1.58 10.73 -10.04
CA LEU A 360 1.18 9.44 -10.60
C LEU A 360 -0.14 9.45 -11.42
N PRO A 361 -1.26 9.96 -10.86
CA PRO A 361 -2.53 9.84 -11.63
C PRO A 361 -2.48 10.52 -12.99
N GLU A 362 -1.82 11.67 -13.08
CA GLU A 362 -1.72 12.38 -14.34
C GLU A 362 -0.84 11.63 -15.34
N LYS A 363 0.30 11.13 -14.88
CA LYS A 363 1.21 10.38 -15.74
C LYS A 363 0.59 9.05 -16.19
N ALA A 364 -0.08 8.37 -15.27
CA ALA A 364 -0.78 7.14 -15.62
C ALA A 364 -1.92 7.42 -16.61
N ALA A 365 -2.69 8.47 -16.37
CA ALA A 365 -3.75 8.86 -17.31
C ALA A 365 -3.20 9.18 -18.70
N ASP A 366 -2.03 9.82 -18.76
CA ASP A 366 -1.36 10.05 -20.06
C ASP A 366 -1.10 8.74 -20.82
N ILE A 367 -0.59 7.74 -20.11
CA ILE A 367 -0.30 6.45 -20.75
C ILE A 367 -1.60 5.78 -21.21
N ILE A 368 -2.61 5.83 -20.36
CA ILE A 368 -3.89 5.18 -20.64
C ILE A 368 -4.61 5.82 -21.82
N THR A 369 -4.56 7.15 -21.91
CA THR A 369 -5.34 7.88 -22.90
C THR A 369 -4.54 8.24 -24.15
N GLY A 370 -3.23 7.96 -24.12
CA GLY A 370 -2.37 8.24 -25.29
C GLY A 370 -2.98 7.60 -26.54
N GLY A 371 -3.20 8.42 -27.57
CA GLY A 371 -3.72 7.92 -28.83
C GLY A 371 -5.20 7.62 -28.79
#